data_9KH2
#
_entry.id   9KH2
#
_cell.length_a   46.676
_cell.length_b   147.788
_cell.length_c   143.016
_cell.angle_alpha   90.000
_cell.angle_beta   90.000
_cell.angle_gamma   90.000
#
_symmetry.space_group_name_H-M   'C 2 2 21'
#
loop_
_entity.id
_entity.type
_entity.pdbx_description
1 polymer 'Zinc finger and BTB domain-containing protein 20'
2 polymer "DNA (5'-D(*CP*AP*AP*TP*GP*TP*AP*TP*GP*GP*CP*C)-3')"
3 polymer "DNA (5'-D(*GP*GP*CP*CP*AP*TP*AP*CP*AP*TP*TP*G)-3')"
4 non-polymer 'ZINC ION'
5 water water
#
loop_
_entity_poly.entity_id
_entity_poly.type
_entity_poly.pdbx_seq_one_letter_code
_entity_poly.pdbx_strand_id
1 'polypeptide(L)'
;PYECTLCNKTFTAKQNYVKHMFVHTGEKPHQCSICWRSFSLKDYLIKHMVTHTGVRAYQCSICNKRFTQKSSLNVHMRLH
RGEK
;
A,B
2 'polydeoxyribonucleotide' (DC)(DA)(DA)(DT)(DG)(DT)(DA)(DT)(DG)(DG)(DC)(DC) C,F
3 'polydeoxyribonucleotide' (DG)(DG)(DC)(DC)(DA)(DT)(DA)(DC)(DA)(DT)(DT)(DG) D,E
#
loop_
_chem_comp.id
_chem_comp.type
_chem_comp.name
_chem_comp.formula
DA DNA linking 2'-DEOXYADENOSINE-5'-MONOPHOSPHATE 'C10 H14 N5 O6 P'
DC DNA linking 2'-DEOXYCYTIDINE-5'-MONOPHOSPHATE 'C9 H14 N3 O7 P'
DG DNA linking 2'-DEOXYGUANOSINE-5'-MONOPHOSPHATE 'C10 H14 N5 O7 P'
DT DNA linking THYMIDINE-5'-MONOPHOSPHATE 'C10 H15 N2 O8 P'
ZN non-polymer 'ZINC ION' 'Zn 2'
#
# COMPACT_ATOMS: atom_id res chain seq x y z
N PRO A 1 -8.70 -11.01 -7.94
CA PRO A 1 -8.02 -10.12 -8.91
C PRO A 1 -8.85 -8.86 -9.20
N TYR A 2 -8.30 -7.69 -8.94
CA TYR A 2 -9.07 -6.46 -9.14
C TYR A 2 -9.31 -6.20 -10.61
N GLU A 3 -10.55 -5.87 -10.98
CA GLU A 3 -10.89 -5.79 -12.38
C GLU A 3 -12.00 -4.78 -12.64
N CYS A 4 -11.76 -3.89 -13.60
CA CYS A 4 -12.79 -2.99 -14.10
C CYS A 4 -13.58 -3.68 -15.19
N THR A 5 -14.87 -3.88 -14.92
CA THR A 5 -15.80 -4.57 -15.80
C THR A 5 -16.18 -3.74 -17.02
N LEU A 6 -16.04 -2.42 -16.95
CA LEU A 6 -16.27 -1.58 -18.13
C LEU A 6 -15.19 -1.81 -19.18
N CYS A 7 -13.91 -1.73 -18.76
CA CYS A 7 -12.80 -1.87 -19.69
C CYS A 7 -12.38 -3.32 -19.89
N ASN A 8 -12.88 -4.22 -19.06
CA ASN A 8 -12.40 -5.58 -18.93
C ASN A 8 -10.88 -5.59 -18.72
N LYS A 9 -10.46 -5.00 -17.60
CA LYS A 9 -9.04 -4.80 -17.36
C LYS A 9 -8.68 -5.13 -15.92
N THR A 10 -7.54 -5.82 -15.73
CA THR A 10 -7.07 -6.27 -14.43
C THR A 10 -6.00 -5.33 -13.87
N PHE A 11 -5.99 -5.21 -12.55
CA PHE A 11 -4.98 -4.45 -11.83
C PHE A 11 -4.28 -5.36 -10.82
N THR A 12 -3.00 -5.08 -10.60
CA THR A 12 -2.21 -5.85 -9.65
C THR A 12 -2.63 -5.56 -8.21
N ALA A 13 -3.05 -4.35 -7.91
CA ALA A 13 -3.32 -3.96 -6.54
C ALA A 13 -4.54 -3.06 -6.52
N LYS A 14 -5.07 -2.86 -5.30
CA LYS A 14 -6.33 -2.13 -5.17
C LYS A 14 -6.18 -0.66 -5.55
N GLN A 15 -5.01 -0.08 -5.31
CA GLN A 15 -4.87 1.37 -5.37
C GLN A 15 -5.15 1.90 -6.77
N ASN A 16 -4.51 1.30 -7.78
CA ASN A 16 -4.75 1.72 -9.13
C ASN A 16 -6.18 1.41 -9.56
N TYR A 17 -6.77 0.35 -9.01
CA TYR A 17 -8.16 0.04 -9.34
C TYR A 17 -9.08 1.15 -8.88
N VAL A 18 -8.87 1.64 -7.65
CA VAL A 18 -9.69 2.73 -7.12
C VAL A 18 -9.49 4.00 -7.93
N LYS A 19 -8.22 4.32 -8.26
CA LYS A 19 -7.93 5.49 -9.08
C LYS A 19 -8.59 5.38 -10.46
N HIS A 20 -8.53 4.21 -11.07
CA HIS A 20 -9.14 3.98 -12.39
C HIS A 20 -10.64 4.18 -12.33
N MET A 21 -11.28 3.63 -11.30
CA MET A 21 -12.72 3.83 -11.19
C MET A 21 -13.09 5.29 -10.95
N PHE A 22 -12.26 6.02 -10.22
CA PHE A 22 -12.59 7.42 -10.01
C PHE A 22 -12.45 8.23 -11.30
N VAL A 23 -11.48 7.86 -12.14
CA VAL A 23 -11.36 8.48 -13.46
C VAL A 23 -12.60 8.20 -14.30
N HIS A 24 -13.17 7.00 -14.12
CA HIS A 24 -14.41 6.65 -14.81
C HIS A 24 -15.57 7.59 -14.45
N THR A 25 -15.54 8.25 -13.27
CA THR A 25 -16.61 9.18 -12.90
C THR A 25 -16.67 10.39 -13.82
N GLY A 26 -15.53 10.82 -14.36
CA GLY A 26 -15.43 12.04 -15.10
C GLY A 26 -15.15 13.27 -14.26
N GLU A 27 -15.19 13.14 -12.93
CA GLU A 27 -14.92 14.29 -12.07
C GLU A 27 -13.45 14.66 -12.09
N LYS A 28 -13.18 15.96 -12.05
CA LYS A 28 -11.82 16.48 -12.08
C LYS A 28 -11.67 17.48 -10.94
N PRO A 29 -11.56 17.00 -9.70
CA PRO A 29 -11.53 17.92 -8.54
C PRO A 29 -10.22 18.66 -8.36
N HIS A 30 -9.10 18.18 -8.90
CA HIS A 30 -7.79 18.76 -8.65
C HIS A 30 -7.49 19.77 -9.75
N GLN A 31 -7.39 21.04 -9.37
CA GLN A 31 -7.27 22.13 -10.31
C GLN A 31 -5.98 22.91 -10.06
N CYS A 32 -5.40 23.43 -11.14
CA CYS A 32 -4.19 24.24 -11.06
C CYS A 32 -4.52 25.64 -10.53
N SER A 33 -3.73 26.09 -9.56
CA SER A 33 -3.91 27.42 -8.98
C SER A 33 -3.41 28.55 -9.89
N ILE A 34 -3.03 28.24 -11.14
CA ILE A 34 -2.42 29.22 -12.03
C ILE A 34 -3.24 29.31 -13.32
N CYS A 35 -3.34 28.21 -14.07
CA CYS A 35 -4.05 28.19 -15.35
C CYS A 35 -5.45 27.59 -15.24
N TRP A 36 -5.87 27.20 -14.03
CA TRP A 36 -7.20 26.69 -13.69
C TRP A 36 -7.56 25.40 -14.41
N ARG A 37 -6.56 24.64 -14.88
CA ARG A 37 -6.87 23.36 -15.50
C ARG A 37 -7.14 22.30 -14.44
N SER A 38 -8.18 21.50 -14.66
CA SER A 38 -8.63 20.52 -13.70
C SER A 38 -8.16 19.12 -14.09
N PHE A 39 -7.99 18.25 -13.09
CA PHE A 39 -7.39 16.94 -13.30
C PHE A 39 -8.15 15.87 -12.53
N SER A 40 -8.16 14.66 -13.11
CA SER A 40 -8.78 13.50 -12.45
C SER A 40 -8.11 13.20 -11.10
N LEU A 41 -6.80 13.03 -11.10
CA LEU A 41 -6.06 12.64 -9.92
C LEU A 41 -5.01 13.69 -9.59
N LYS A 42 -4.60 13.73 -8.32
CA LYS A 42 -3.57 14.67 -7.88
C LYS A 42 -2.22 14.35 -8.51
N ASP A 43 -1.99 13.10 -8.91
CA ASP A 43 -0.72 12.71 -9.53
C ASP A 43 -0.51 13.52 -10.79
N TYR A 44 -1.56 13.63 -11.59
CA TYR A 44 -1.51 14.35 -12.85
C TYR A 44 -1.26 15.84 -12.61
N LEU A 45 -1.90 16.43 -11.61
CA LEU A 45 -1.70 17.85 -11.31
C LEU A 45 -0.28 18.13 -10.84
N ILE A 46 0.26 17.22 -10.01
CA ILE A 46 1.65 17.36 -9.57
C ILE A 46 2.59 17.38 -10.78
N LYS A 47 2.35 16.49 -11.75
CA LYS A 47 3.18 16.53 -12.95
C LYS A 47 2.95 17.80 -13.76
N HIS A 48 1.72 18.33 -13.74
CA HIS A 48 1.41 19.52 -14.51
C HIS A 48 2.17 20.74 -14.02
N MET A 49 2.38 20.85 -12.70
CA MET A 49 2.98 22.06 -12.12
C MET A 49 4.37 22.39 -12.69
N VAL A 50 5.08 21.38 -13.20
CA VAL A 50 6.42 21.58 -13.77
C VAL A 50 6.39 22.46 -15.02
N THR A 51 5.28 22.44 -15.77
CA THR A 51 5.15 23.33 -16.92
C THR A 51 5.17 24.79 -16.50
N HIS A 52 4.60 25.08 -15.32
CA HIS A 52 4.67 26.43 -14.79
C HIS A 52 6.03 26.73 -14.18
N THR A 53 6.59 25.81 -13.41
CA THR A 53 7.87 26.11 -12.75
C THR A 53 9.07 26.06 -13.67
N GLY A 54 8.98 25.35 -14.80
CA GLY A 54 10.09 25.25 -15.75
C GLY A 54 11.22 24.34 -15.33
N VAL A 55 11.17 23.76 -14.12
CA VAL A 55 12.24 22.92 -13.61
C VAL A 55 12.38 21.68 -14.46
N ARG A 56 13.55 21.48 -15.06
CA ARG A 56 13.84 20.23 -15.75
C ARG A 56 14.77 19.42 -14.85
N ALA A 57 14.15 18.69 -13.92
CA ALA A 57 14.87 17.95 -12.89
C ALA A 57 15.57 16.70 -13.40
N TYR A 58 15.32 16.26 -14.63
CA TYR A 58 15.74 14.95 -15.10
C TYR A 58 16.83 15.12 -16.14
N GLN A 59 18.05 14.67 -15.82
CA GLN A 59 19.21 14.98 -16.63
C GLN A 59 19.91 13.72 -17.11
N CYS A 60 20.21 13.68 -18.41
CA CYS A 60 21.05 12.63 -18.95
C CYS A 60 22.45 12.74 -18.39
N SER A 61 22.97 11.64 -17.86
CA SER A 61 24.34 11.61 -17.35
C SER A 61 25.36 11.32 -18.45
N ILE A 62 24.92 11.14 -19.69
CA ILE A 62 25.84 10.96 -20.80
C ILE A 62 26.17 12.30 -21.47
N CYS A 63 25.14 13.08 -21.81
CA CYS A 63 25.31 14.30 -22.59
C CYS A 63 24.78 15.55 -21.89
N ASN A 64 24.44 15.46 -20.62
CA ASN A 64 24.02 16.56 -19.76
C ASN A 64 22.70 17.24 -20.18
N LYS A 65 22.01 16.74 -21.21
CA LYS A 65 20.70 17.30 -21.55
C LYS A 65 19.67 17.03 -20.47
N ARG A 66 18.71 17.96 -20.33
CA ARG A 66 17.78 17.97 -19.21
C ARG A 66 16.33 17.92 -19.73
N PHE A 67 15.42 17.35 -18.93
CA PHE A 67 14.07 16.99 -19.40
C PHE A 67 13.03 17.28 -18.32
N THR A 68 11.78 17.46 -18.77
CA THR A 68 10.70 17.82 -17.87
C THR A 68 10.19 16.62 -17.08
N GLN A 69 10.11 15.46 -17.72
CA GLN A 69 9.58 14.24 -17.11
C GLN A 69 10.58 13.10 -17.28
N LYS A 70 10.62 12.22 -16.27
CA LYS A 70 11.49 11.05 -16.33
C LYS A 70 11.23 10.19 -17.56
N SER A 71 9.97 10.11 -18.00
CA SER A 71 9.62 9.34 -19.19
C SER A 71 10.34 9.87 -20.43
N SER A 72 10.40 11.21 -20.58
CA SER A 72 11.13 11.80 -21.70
C SER A 72 12.59 11.41 -21.67
N LEU A 73 13.20 11.43 -20.48
CA LEU A 73 14.60 11.04 -20.35
C LEU A 73 14.79 9.58 -20.74
N ASN A 74 13.88 8.72 -20.27
CA ASN A 74 13.96 7.29 -20.59
C ASN A 74 13.89 7.07 -22.09
N VAL A 75 13.01 7.83 -22.75
CA VAL A 75 12.92 7.77 -24.20
C VAL A 75 14.25 8.19 -24.81
N HIS A 76 14.81 9.30 -24.31
CA HIS A 76 16.06 9.85 -24.83
C HIS A 76 17.21 8.85 -24.75
N MET A 77 17.22 8.04 -23.69
CA MET A 77 18.29 7.05 -23.50
C MET A 77 18.35 6.03 -24.63
N ARG A 78 17.27 5.87 -25.40
CA ARG A 78 17.32 4.99 -26.56
C ARG A 78 18.20 5.55 -27.67
N LEU A 79 18.47 6.86 -27.65
CA LEU A 79 19.35 7.46 -28.65
C LEU A 79 20.82 7.19 -28.37
N HIS A 80 21.25 7.27 -27.10
CA HIS A 80 22.61 6.85 -26.77
C HIS A 80 22.75 5.34 -26.94
N ARG A 81 21.67 4.61 -26.67
CA ARG A 81 21.60 3.18 -26.94
C ARG A 81 21.73 2.94 -28.44
N GLY A 82 22.37 1.83 -28.80
CA GLY A 82 22.83 1.60 -30.14
C GLY A 82 24.32 1.80 -30.32
N GLU A 83 24.98 2.33 -29.29
CA GLU A 83 26.44 2.32 -29.19
C GLU A 83 26.81 1.40 -28.02
N LYS A 84 27.59 0.36 -28.32
CA LYS A 84 27.90 -0.71 -27.36
C LYS A 84 28.61 -0.20 -26.09
N PRO B 1 -1.03 -13.21 -8.80
CA PRO B 1 -0.65 -12.96 -7.41
C PRO B 1 0.72 -13.56 -7.06
N TYR B 2 1.24 -13.17 -5.91
CA TYR B 2 2.54 -13.62 -5.43
C TYR B 2 2.46 -15.00 -4.78
N GLU B 3 3.54 -15.78 -4.93
CA GLU B 3 3.56 -17.13 -4.37
C GLU B 3 4.90 -17.46 -3.73
N CYS B 4 4.86 -18.06 -2.54
CA CYS B 4 6.07 -18.56 -1.89
C CYS B 4 6.56 -19.82 -2.59
N THR B 5 7.83 -19.82 -2.99
CA THR B 5 8.39 -21.01 -3.61
C THR B 5 8.80 -22.08 -2.59
N LEU B 6 8.71 -21.80 -1.30
CA LEU B 6 9.13 -22.78 -0.30
C LEU B 6 7.98 -23.58 0.29
N CYS B 7 6.75 -23.04 0.29
CA CYS B 7 5.61 -23.78 0.79
C CYS B 7 4.35 -23.60 -0.05
N ASN B 8 4.42 -22.83 -1.15
CA ASN B 8 3.37 -22.67 -2.16
C ASN B 8 2.16 -21.91 -1.67
N LYS B 9 2.31 -21.10 -0.63
CA LYS B 9 1.25 -20.20 -0.22
C LYS B 9 1.12 -19.06 -1.22
N THR B 10 -0.12 -18.62 -1.43
CA THR B 10 -0.44 -17.49 -2.29
C THR B 10 -0.78 -16.27 -1.42
N PHE B 11 -0.54 -15.08 -1.97
CA PHE B 11 -0.77 -13.80 -1.32
C PHE B 11 -1.39 -12.83 -2.30
N THR B 12 -2.32 -12.00 -1.83
CA THR B 12 -2.93 -11.02 -2.71
C THR B 12 -2.08 -9.79 -2.99
N ALA B 13 -1.11 -9.48 -2.12
CA ALA B 13 -0.34 -8.25 -2.29
C ALA B 13 1.10 -8.48 -1.89
N LYS B 14 1.95 -7.50 -2.19
CA LYS B 14 3.38 -7.70 -2.00
C LYS B 14 3.75 -7.69 -0.52
N GLN B 15 3.04 -6.90 0.30
CA GLN B 15 3.47 -6.67 1.67
C GLN B 15 3.49 -7.96 2.47
N ASN B 16 2.44 -8.76 2.38
CA ASN B 16 2.45 -9.99 3.14
C ASN B 16 3.37 -11.04 2.52
N TYR B 17 3.63 -10.96 1.21
CA TYR B 17 4.60 -11.85 0.62
C TYR B 17 5.97 -11.63 1.26
N VAL B 18 6.38 -10.37 1.33
CA VAL B 18 7.69 -10.02 1.89
C VAL B 18 7.77 -10.42 3.36
N LYS B 19 6.71 -10.14 4.13
CA LYS B 19 6.70 -10.54 5.53
C LYS B 19 6.83 -12.05 5.68
N HIS B 20 6.15 -12.80 4.81
CA HIS B 20 6.22 -14.26 4.83
C HIS B 20 7.63 -14.74 4.55
N MET B 21 8.31 -14.10 3.60
CA MET B 21 9.68 -14.50 3.30
C MET B 21 10.60 -14.20 4.47
N PHE B 22 10.38 -13.09 5.17
CA PHE B 22 11.22 -12.81 6.33
C PHE B 22 11.03 -13.86 7.41
N VAL B 23 9.78 -14.24 7.68
CA VAL B 23 9.51 -15.23 8.72
C VAL B 23 10.19 -16.54 8.37
N HIS B 24 10.22 -16.90 7.09
CA HIS B 24 10.88 -18.14 6.66
C HIS B 24 12.35 -18.23 7.06
N THR B 25 13.03 -17.11 7.30
CA THR B 25 14.40 -17.18 7.79
C THR B 25 14.51 -17.70 9.23
N GLY B 26 13.45 -17.64 10.03
CA GLY B 26 13.54 -18.01 11.41
C GLY B 26 14.09 -16.95 12.33
N GLU B 27 14.60 -15.85 11.81
CA GLU B 27 15.04 -14.74 12.65
C GLU B 27 13.86 -14.12 13.39
N LYS B 28 14.04 -13.86 14.68
CA LYS B 28 13.05 -13.16 15.49
C LYS B 28 13.75 -11.98 16.15
N PRO B 29 14.00 -10.91 15.40
CA PRO B 29 14.79 -9.79 15.95
C PRO B 29 14.00 -8.84 16.83
N HIS B 30 12.70 -9.04 16.99
CA HIS B 30 11.86 -8.13 17.77
C HIS B 30 11.63 -8.73 19.14
N GLN B 31 12.10 -8.04 20.17
CA GLN B 31 12.10 -8.61 21.51
C GLN B 31 11.44 -7.66 22.51
N CYS B 32 10.59 -8.22 23.36
CA CYS B 32 9.92 -7.46 24.41
C CYS B 32 10.86 -7.21 25.57
N SER B 33 11.03 -5.97 25.98
CA SER B 33 12.03 -5.72 27.02
C SER B 33 11.49 -5.96 28.43
N ILE B 34 10.20 -6.27 28.57
CA ILE B 34 9.69 -6.70 29.86
C ILE B 34 9.99 -8.17 30.09
N CYS B 35 9.44 -9.05 29.25
CA CYS B 35 9.50 -10.48 29.46
C CYS B 35 10.49 -11.21 28.58
N TRP B 36 11.17 -10.52 27.66
CA TRP B 36 12.23 -11.02 26.75
C TRP B 36 11.74 -12.00 25.67
N ARG B 37 10.44 -12.09 25.44
CA ARG B 37 9.95 -12.93 24.35
C ARG B 37 10.34 -12.32 23.01
N SER B 38 10.67 -13.17 22.04
CA SER B 38 11.11 -12.75 20.71
C SER B 38 10.06 -13.05 19.66
N PHE B 39 9.96 -12.16 18.65
CA PHE B 39 8.92 -12.23 17.61
C PHE B 39 9.52 -12.07 16.22
N SER B 40 8.89 -12.73 15.25
CA SER B 40 9.32 -12.62 13.85
C SER B 40 9.20 -11.20 13.34
N LEU B 41 8.06 -10.56 13.63
CA LEU B 41 7.67 -9.30 13.02
C LEU B 41 7.32 -8.28 14.09
N LYS B 42 7.54 -7.00 13.78
CA LYS B 42 7.14 -5.93 14.70
C LYS B 42 5.64 -5.95 14.97
N ASP B 43 4.85 -6.40 13.98
CA ASP B 43 3.41 -6.58 14.14
C ASP B 43 3.08 -7.41 15.37
N TYR B 44 3.72 -8.58 15.48
CA TYR B 44 3.42 -9.50 16.56
C TYR B 44 3.88 -8.96 17.91
N LEU B 45 5.02 -8.26 17.94
CA LEU B 45 5.48 -7.68 19.20
C LEU B 45 4.52 -6.61 19.71
N ILE B 46 4.04 -5.77 18.79
CA ILE B 46 3.04 -4.76 19.13
C ILE B 46 1.81 -5.42 19.76
N LYS B 47 1.33 -6.51 19.14
CA LYS B 47 0.14 -7.18 19.66
C LYS B 47 0.43 -7.80 21.03
N HIS B 48 1.64 -8.30 21.23
CA HIS B 48 2.05 -8.89 22.50
C HIS B 48 1.97 -7.90 23.65
N MET B 49 2.25 -6.61 23.37
CA MET B 49 2.34 -5.61 24.45
C MET B 49 1.08 -5.51 25.31
N VAL B 50 -0.07 -5.89 24.76
CA VAL B 50 -1.35 -5.85 25.49
C VAL B 50 -1.32 -6.78 26.70
N THR B 51 -0.54 -7.86 26.66
CA THR B 51 -0.38 -8.73 27.82
C THR B 51 0.26 -8.02 29.00
N HIS B 52 1.01 -6.95 28.76
CA HIS B 52 1.61 -6.19 29.83
C HIS B 52 0.79 -4.96 30.20
N THR B 53 0.18 -4.29 29.21
CA THR B 53 -0.62 -3.10 29.53
C THR B 53 -1.94 -3.47 30.21
N GLY B 54 -2.50 -4.64 29.89
CA GLY B 54 -3.80 -5.00 30.41
C GLY B 54 -4.98 -4.36 29.70
N VAL B 55 -4.73 -3.55 28.67
CA VAL B 55 -5.76 -2.73 28.01
C VAL B 55 -6.75 -3.63 27.26
N ARG B 56 -8.04 -3.43 27.50
CA ARG B 56 -9.11 -4.13 26.78
C ARG B 56 -9.85 -3.11 25.92
N ALA B 57 -9.42 -2.97 24.67
CA ALA B 57 -9.87 -1.88 23.81
C ALA B 57 -10.98 -2.27 22.84
N TYR B 58 -11.62 -3.41 23.01
CA TYR B 58 -12.64 -3.89 22.06
C TYR B 58 -13.87 -4.28 22.86
N GLN B 59 -14.95 -3.51 22.70
CA GLN B 59 -16.13 -3.69 23.52
C GLN B 59 -17.26 -4.32 22.71
N CYS B 60 -18.01 -5.21 23.34
CA CYS B 60 -19.16 -5.85 22.71
C CYS B 60 -20.36 -4.92 22.79
N SER B 61 -20.96 -4.63 21.63
CA SER B 61 -22.10 -3.72 21.59
C SER B 61 -23.36 -4.29 22.23
N ILE B 62 -23.39 -5.58 22.55
CA ILE B 62 -24.56 -6.24 23.10
C ILE B 62 -24.49 -6.34 24.63
N CYS B 63 -23.37 -6.86 25.17
CA CYS B 63 -23.27 -7.11 26.60
C CYS B 63 -22.19 -6.29 27.31
N ASN B 64 -21.53 -5.38 26.60
CA ASN B 64 -20.55 -4.42 27.12
C ASN B 64 -19.29 -5.05 27.70
N LYS B 65 -19.05 -6.35 27.50
CA LYS B 65 -17.78 -6.97 27.88
C LYS B 65 -16.64 -6.48 26.96
N ARG B 66 -15.44 -6.40 27.53
CA ARG B 66 -14.28 -5.83 26.85
C ARG B 66 -13.21 -6.91 26.63
N PHE B 67 -12.43 -6.74 25.56
CA PHE B 67 -11.58 -7.81 25.05
C PHE B 67 -10.20 -7.30 24.68
N THR B 68 -9.23 -8.21 24.69
CA THR B 68 -7.84 -7.86 24.38
C THR B 68 -7.60 -7.72 22.88
N GLN B 69 -8.14 -8.63 22.07
CA GLN B 69 -8.00 -8.61 20.62
C GLN B 69 -9.38 -8.57 19.97
N LYS B 70 -9.45 -7.98 18.76
CA LYS B 70 -10.75 -7.97 18.09
C LYS B 70 -11.17 -9.36 17.65
N SER B 71 -10.22 -10.26 17.41
CA SER B 71 -10.60 -11.62 17.07
C SER B 71 -11.36 -12.28 18.23
N SER B 72 -10.94 -11.99 19.47
CA SER B 72 -11.70 -12.43 20.64
C SER B 72 -13.12 -11.87 20.62
N LEU B 73 -13.28 -10.59 20.29
CA LEU B 73 -14.61 -9.98 20.26
C LEU B 73 -15.49 -10.56 19.15
N ASN B 74 -14.92 -10.78 17.96
CA ASN B 74 -15.65 -11.41 16.86
C ASN B 74 -16.14 -12.80 17.28
N VAL B 75 -15.30 -13.56 18.01
CA VAL B 75 -15.70 -14.90 18.44
C VAL B 75 -16.79 -14.83 19.50
N HIS B 76 -16.66 -13.90 20.45
CA HIS B 76 -17.69 -13.69 21.47
C HIS B 76 -19.04 -13.34 20.85
N MET B 77 -19.05 -12.56 19.77
CA MET B 77 -20.31 -12.21 19.12
C MET B 77 -21.08 -13.44 18.61
N ARG B 78 -20.38 -14.54 18.31
CA ARG B 78 -21.05 -15.76 17.88
C ARG B 78 -21.94 -16.34 18.97
N LEU B 79 -21.58 -16.10 20.24
CA LEU B 79 -22.37 -16.62 21.35
C LEU B 79 -23.73 -15.95 21.46
N HIS B 80 -23.85 -14.70 21.03
CA HIS B 80 -25.15 -14.04 21.06
C HIS B 80 -26.08 -14.61 19.99
N ARG B 81 -25.53 -14.98 18.82
CA ARG B 81 -26.17 -15.73 17.73
C ARG B 81 -27.59 -15.29 17.38
N GLY B 82 -27.89 -14.01 17.58
CA GLY B 82 -29.23 -13.48 17.42
C GLY B 82 -30.28 -14.17 18.29
N GLU B 83 -29.96 -14.36 19.57
CA GLU B 83 -30.84 -15.11 20.48
C GLU B 83 -32.16 -14.39 20.78
N LYS B 84 -32.27 -13.11 20.43
CA LYS B 84 -33.51 -12.36 20.62
C LYS B 84 -34.66 -12.93 19.78
ZN ZN G . -12.34 0.93 -16.73
ZN ZN H . -1.57 25.16 -14.65
ZN ZN I . 21.86 12.30 -23.48
ZN ZN J . 6.27 -19.96 2.54
ZN ZN K . 6.61 -9.30 26.97
ZN ZN L . -21.53 -9.74 24.30
#